data_6KEP
#
_entry.id   6KEP
#
_cell.length_a   58.380
_cell.length_b   75.057
_cell.length_c   108.517
_cell.angle_alpha   90.000
_cell.angle_beta   90.000
_cell.angle_gamma   90.000
#
_symmetry.space_group_name_H-M   'P 21 21 21'
#
loop_
_entity.id
_entity.type
_entity.pdbx_description
1 polymer 'Glutathione S-transferase E14'
2 non-polymer GLUTATHIONE
3 non-polymer ESTRADIOL
4 water water
#
_entity_poly.entity_id   1
_entity_poly.type   'polypeptide(L)'
_entity_poly.pdbx_seq_one_letter_code
;MNHKVHMMSQPKPILYYDERSPPVRSCLMLIKLLDIDVELRFVNLFKGEQFQKDFLALNPQHSVPTLVHGDLVLTDSHAI
LIHLAEKFDEGGSLWPQEHAERMKVLNLLLFECSFLFRRDSDFMSAIVRQGFANVDVAHHERKLTEAYIIMERYLENSDF
MAGPQLTLADLSIVTTLSTVNLMFPLSQFPRLRRWFTAMQQLDAYEANCSGLEKLRQTMESVGSFQFPSSSAVVTEKVE
;
_entity_poly.pdbx_strand_id   AA,BA
#
loop_
_chem_comp.id
_chem_comp.type
_chem_comp.name
_chem_comp.formula
EST non-polymer ESTRADIOL 'C18 H24 O2'
GSH non-polymer GLUTATHIONE 'C10 H17 N3 O6 S'
#
# COMPACT_ATOMS: atom_id res chain seq x y z
N PRO A 11 11.55 -22.81 13.21
CA PRO A 11 12.57 -21.83 13.60
C PRO A 11 11.93 -20.48 13.97
N LYS A 12 12.64 -19.68 14.78
CA LYS A 12 12.11 -18.39 15.22
C LYS A 12 12.16 -17.40 14.06
N PRO A 13 11.20 -16.48 13.99
CA PRO A 13 11.20 -15.51 12.90
C PRO A 13 12.45 -14.62 12.97
N ILE A 14 12.90 -14.17 11.80
CA ILE A 14 14.00 -13.24 11.66
C ILE A 14 13.46 -11.95 11.04
N LEU A 15 13.73 -10.82 11.68
CA LEU A 15 13.26 -9.54 11.17
C LEU A 15 14.43 -8.67 10.75
N TYR A 16 14.50 -8.37 9.44
CA TYR A 16 15.46 -7.41 8.91
C TYR A 16 14.85 -6.03 9.06
N TYR A 17 15.58 -5.12 9.71
CA TYR A 17 14.93 -3.93 10.24
C TYR A 17 15.88 -2.73 10.23
N ASP A 18 15.27 -1.55 10.20
CA ASP A 18 15.90 -0.27 10.56
C ASP A 18 14.79 0.44 11.32
N GLU A 19 14.98 0.66 12.62
CA GLU A 19 13.87 1.16 13.44
C GLU A 19 13.49 2.59 13.08
N ARG A 20 14.25 3.28 12.25
CA ARG A 20 13.76 4.59 11.81
C ARG A 20 12.54 4.48 10.89
N SER A 21 12.34 3.31 10.27
CA SER A 21 11.20 3.06 9.35
C SER A 21 9.92 2.88 10.17
N PRO A 22 8.85 3.67 9.94
CA PRO A 22 7.61 3.46 10.70
C PRO A 22 7.05 2.05 10.50
N PRO A 23 7.00 1.49 9.28
CA PRO A 23 6.46 0.12 9.17
C PRO A 23 7.30 -0.90 9.91
N VAL A 24 8.61 -0.67 10.06
CA VAL A 24 9.41 -1.49 10.98
C VAL A 24 8.86 -1.35 12.40
N ARG A 25 8.66 -0.09 12.86
CA ARG A 25 8.22 0.10 14.23
C ARG A 25 6.85 -0.54 14.49
N SER A 26 5.99 -0.62 13.46
N SER A 26 5.98 -0.61 13.48
CA SER A 26 4.71 -1.29 13.68
CA SER A 26 4.70 -1.29 13.69
C SER A 26 4.94 -2.76 14.00
C SER A 26 4.92 -2.78 13.98
N CYS A 27 5.88 -3.40 13.31
CA CYS A 27 6.22 -4.78 13.60
C CYS A 27 6.87 -4.93 14.96
N LEU A 28 7.75 -3.99 15.33
CA LEU A 28 8.34 -4.02 16.67
C LEU A 28 7.28 -3.91 17.76
N MET A 29 6.27 -3.04 17.55
CA MET A 29 5.18 -2.93 18.52
C MET A 29 4.42 -4.25 18.65
N LEU A 30 4.11 -4.91 17.54
CA LEU A 30 3.38 -6.18 17.64
C LEU A 30 4.21 -7.25 18.34
N ILE A 31 5.50 -7.31 18.01
CA ILE A 31 6.40 -8.27 18.64
C ILE A 31 6.45 -8.05 20.15
N LYS A 32 6.50 -6.80 20.59
CA LYS A 32 6.48 -6.54 22.02
C LYS A 32 5.13 -6.90 22.65
N LEU A 33 4.03 -6.47 22.01
CA LEU A 33 2.69 -6.70 22.55
C LEU A 33 2.44 -8.18 22.76
N LEU A 34 2.87 -9.02 21.83
CA LEU A 34 2.59 -10.45 21.90
C LEU A 34 3.73 -11.26 22.50
N ASP A 35 4.83 -10.60 22.88
CA ASP A 35 6.02 -11.25 23.46
C ASP A 35 6.60 -12.32 22.52
N ILE A 36 6.65 -12.02 21.23
CA ILE A 36 7.18 -12.96 20.25
C ILE A 36 8.70 -12.92 20.31
N ASP A 37 9.31 -14.11 20.35
N ASP A 37 9.31 -14.11 20.35
CA ASP A 37 10.78 -14.22 20.30
CA ASP A 37 10.78 -14.20 20.30
C ASP A 37 11.22 -14.14 18.84
C ASP A 37 11.21 -14.13 18.84
N VAL A 38 11.92 -13.07 18.47
CA VAL A 38 12.34 -12.81 17.09
C VAL A 38 13.80 -12.43 17.09
N GLU A 39 14.55 -12.91 16.08
CA GLU A 39 15.92 -12.46 15.88
C GLU A 39 15.92 -11.21 15.01
N LEU A 40 16.66 -10.19 15.44
CA LEU A 40 16.72 -8.91 14.75
C LEU A 40 18.02 -8.77 13.97
N ARG A 41 17.92 -8.41 12.70
CA ARG A 41 19.08 -8.19 11.86
C ARG A 41 19.01 -6.79 11.26
N PHE A 42 19.93 -5.93 11.69
CA PHE A 42 19.88 -4.53 11.30
C PHE A 42 20.34 -4.33 9.86
N VAL A 43 19.59 -3.51 9.11
CA VAL A 43 19.92 -3.10 7.74
C VAL A 43 19.87 -1.57 7.73
N ASN A 44 21.02 -0.91 7.60
CA ASN A 44 21.07 0.54 7.72
C ASN A 44 20.66 1.18 6.39
N LEU A 45 19.44 1.73 6.36
CA LEU A 45 18.91 2.25 5.11
C LEU A 45 19.61 3.50 4.66
N PHE A 46 20.12 4.30 5.60
CA PHE A 46 20.79 5.52 5.20
C PHE A 46 22.22 5.29 4.74
N LYS A 47 22.78 4.11 5.00
CA LYS A 47 24.05 3.71 4.42
C LYS A 47 23.88 2.84 3.17
N GLY A 48 22.64 2.60 2.73
CA GLY A 48 22.44 1.80 1.54
C GLY A 48 22.67 0.31 1.69
N GLU A 49 22.60 -0.21 2.92
CA GLU A 49 22.81 -1.63 3.15
C GLU A 49 21.68 -2.47 2.58
N GLN A 50 20.53 -1.85 2.28
CA GLN A 50 19.45 -2.59 1.63
C GLN A 50 19.76 -2.92 0.18
N PHE A 51 20.87 -2.41 -0.37
CA PHE A 51 21.31 -2.75 -1.71
C PHE A 51 22.43 -3.78 -1.73
N GLN A 52 22.90 -4.22 -0.56
N GLN A 52 22.87 -4.26 -0.58
N GLN A 52 22.90 -4.23 -0.57
CA GLN A 52 23.82 -5.35 -0.49
CA GLN A 52 23.88 -5.30 -0.57
CA GLN A 52 23.85 -5.32 -0.55
C GLN A 52 23.27 -6.53 -1.29
C GLN A 52 23.32 -6.59 -1.16
C GLN A 52 23.28 -6.51 -1.31
N LYS A 53 24.16 -7.28 -1.94
CA LYS A 53 23.70 -8.31 -2.88
C LYS A 53 22.82 -9.38 -2.23
N ASP A 54 23.16 -9.81 -1.01
CA ASP A 54 22.39 -10.88 -0.37
C ASP A 54 21.02 -10.38 0.09
N PHE A 55 20.94 -9.14 0.59
CA PHE A 55 19.63 -8.64 0.99
C PHE A 55 18.74 -8.39 -0.23
N LEU A 56 19.31 -7.88 -1.32
CA LEU A 56 18.57 -7.69 -2.57
C LEU A 56 18.05 -9.01 -3.11
N ALA A 57 18.89 -10.05 -3.08
CA ALA A 57 18.42 -11.37 -3.47
C ALA A 57 17.23 -11.79 -2.62
N LEU A 58 17.24 -11.42 -1.33
CA LEU A 58 16.15 -11.81 -0.44
C LEU A 58 14.90 -10.97 -0.70
N ASN A 59 15.07 -9.67 -0.86
CA ASN A 59 13.95 -8.74 -1.03
C ASN A 59 14.32 -7.80 -2.17
N PRO A 60 13.88 -8.11 -3.39
CA PRO A 60 14.21 -7.25 -4.53
C PRO A 60 13.68 -5.85 -4.41
N GLN A 61 12.69 -5.61 -3.54
CA GLN A 61 12.21 -4.24 -3.30
C GLN A 61 13.11 -3.45 -2.37
N HIS A 62 14.21 -4.05 -1.90
CA HIS A 62 15.18 -3.39 -1.01
C HIS A 62 14.52 -2.53 0.07
N SER A 63 13.63 -3.16 0.82
CA SER A 63 12.87 -2.44 1.85
C SER A 63 12.88 -3.18 3.17
N VAL A 64 12.73 -2.43 4.25
CA VAL A 64 12.45 -3.04 5.56
C VAL A 64 11.12 -2.50 6.07
N PRO A 65 10.32 -3.31 6.78
CA PRO A 65 10.72 -4.63 7.29
C PRO A 65 10.66 -5.77 6.27
N THR A 66 11.54 -6.76 6.46
CA THR A 66 11.51 -8.03 5.76
C THR A 66 11.58 -9.11 6.83
N LEU A 67 10.69 -10.09 6.75
CA LEU A 67 10.61 -11.18 7.71
C LEU A 67 10.98 -12.49 7.02
N VAL A 68 11.88 -13.26 7.63
CA VAL A 68 12.09 -14.64 7.22
C VAL A 68 11.65 -15.51 8.37
N HIS A 69 10.67 -16.37 8.11
CA HIS A 69 10.11 -17.28 9.11
C HIS A 69 10.03 -18.68 8.48
N GLY A 70 11.03 -19.52 8.80
CA GLY A 70 11.20 -20.74 8.06
C GLY A 70 11.49 -20.41 6.61
N ASP A 71 10.70 -21.02 5.71
CA ASP A 71 10.84 -20.80 4.29
C ASP A 71 10.07 -19.57 3.83
N LEU A 72 9.25 -18.99 4.70
CA LEU A 72 8.39 -17.88 4.30
C LEU A 72 9.18 -16.57 4.34
N VAL A 73 9.16 -15.82 3.24
CA VAL A 73 9.84 -14.53 3.17
C VAL A 73 8.77 -13.48 2.89
N LEU A 74 8.55 -12.58 3.85
CA LEU A 74 7.57 -11.50 3.69
C LEU A 74 8.30 -10.16 3.56
N THR A 75 7.84 -9.33 2.61
CA THR A 75 8.56 -8.12 2.25
C THR A 75 7.68 -6.89 2.41
N ASP A 76 6.66 -6.99 3.24
CA ASP A 76 5.74 -5.88 3.49
C ASP A 76 5.24 -5.96 4.93
N SER A 77 5.35 -4.85 5.65
CA SER A 77 4.92 -4.81 7.06
C SER A 77 3.51 -5.33 7.27
N HIS A 78 2.58 -5.06 6.33
CA HIS A 78 1.21 -5.43 6.58
C HIS A 78 1.02 -6.93 6.50
N ALA A 79 1.77 -7.58 5.61
CA ALA A 79 1.80 -9.04 5.57
C ALA A 79 2.46 -9.59 6.83
N ILE A 80 3.51 -8.91 7.30
CA ILE A 80 4.20 -9.37 8.51
C ILE A 80 3.27 -9.28 9.71
N LEU A 81 2.54 -8.16 9.84
CA LEU A 81 1.62 -8.00 10.98
C LEU A 81 0.56 -9.09 10.95
N ILE A 82 -0.02 -9.35 9.77
CA ILE A 82 -1.08 -10.36 9.67
C ILE A 82 -0.51 -11.75 9.94
N HIS A 83 0.64 -12.07 9.36
CA HIS A 83 1.24 -13.39 9.59
C HIS A 83 1.53 -13.60 11.07
N LEU A 84 2.13 -12.60 11.73
CA LEU A 84 2.47 -12.77 13.14
C LEU A 84 1.22 -12.83 14.00
N ALA A 85 0.16 -12.10 13.63
CA ALA A 85 -1.06 -12.20 14.41
C ALA A 85 -1.69 -13.59 14.24
N GLU A 86 -1.63 -14.14 13.03
CA GLU A 86 -2.23 -15.46 12.83
C GLU A 86 -1.45 -16.55 13.56
N LYS A 87 -0.12 -16.38 13.67
CA LYS A 87 0.74 -17.40 14.28
C LYS A 87 0.86 -17.23 15.79
N PHE A 88 0.78 -15.99 16.32
CA PHE A 88 1.02 -15.75 17.75
C PHE A 88 -0.13 -15.07 18.48
N ASP A 89 -1.18 -14.65 17.79
CA ASP A 89 -2.41 -14.14 18.40
C ASP A 89 -3.58 -14.90 17.80
N GLU A 90 -3.37 -16.21 17.61
CA GLU A 90 -4.43 -17.08 17.09
C GLU A 90 -5.72 -16.89 17.88
N GLY A 91 -6.83 -16.73 17.16
CA GLY A 91 -8.14 -16.55 17.79
C GLY A 91 -8.35 -15.20 18.45
N GLY A 92 -7.35 -14.31 18.41
CA GLY A 92 -7.38 -13.07 19.16
C GLY A 92 -8.11 -11.94 18.44
N SER A 93 -8.05 -10.75 19.05
CA SER A 93 -8.85 -9.64 18.55
C SER A 93 -8.04 -8.64 17.73
N LEU A 94 -6.72 -8.80 17.65
CA LEU A 94 -5.95 -7.82 16.87
C LEU A 94 -6.22 -7.95 15.38
N TRP A 95 -6.47 -9.18 14.94
CA TRP A 95 -6.76 -9.56 13.55
C TRP A 95 -8.04 -10.38 13.68
N PRO A 96 -9.19 -9.73 13.74
CA PRO A 96 -10.36 -10.33 14.39
C PRO A 96 -10.98 -11.48 13.62
N GLN A 97 -11.72 -12.28 14.38
CA GLN A 97 -12.25 -13.53 13.86
C GLN A 97 -13.42 -13.33 12.91
N GLU A 98 -14.34 -12.43 13.23
CA GLU A 98 -15.50 -12.25 12.38
C GLU A 98 -15.09 -11.58 11.07
N HIS A 99 -15.64 -12.08 9.96
CA HIS A 99 -15.18 -11.67 8.64
C HIS A 99 -15.25 -10.17 8.42
N ALA A 100 -16.41 -9.55 8.70
CA ALA A 100 -16.55 -8.12 8.44
C ALA A 100 -15.58 -7.30 9.29
N GLU A 101 -15.38 -7.68 10.55
CA GLU A 101 -14.42 -6.95 11.40
C GLU A 101 -13.00 -7.07 10.87
N ARG A 102 -12.66 -8.25 10.36
CA ARG A 102 -11.33 -8.49 9.81
C ARG A 102 -11.14 -7.68 8.54
N MET A 103 -12.16 -7.65 7.67
CA MET A 103 -12.06 -6.84 6.45
C MET A 103 -11.86 -5.37 6.78
N LYS A 104 -12.48 -4.87 7.84
N LYS A 104 -12.51 -4.87 7.83
CA LYS A 104 -12.31 -3.47 8.21
CA LYS A 104 -12.32 -3.48 8.22
C LYS A 104 -10.87 -3.19 8.65
C LYS A 104 -10.87 -3.22 8.61
N VAL A 105 -10.27 -4.13 9.39
CA VAL A 105 -8.86 -4.00 9.74
C VAL A 105 -7.99 -4.02 8.48
N LEU A 106 -8.22 -5.00 7.60
CA LEU A 106 -7.46 -5.08 6.35
C LEU A 106 -7.60 -3.78 5.55
N ASN A 107 -8.82 -3.25 5.51
CA ASN A 107 -9.07 -2.03 4.76
C ASN A 107 -8.20 -0.87 5.28
N LEU A 108 -8.09 -0.75 6.60
N LEU A 108 -8.06 -0.76 6.60
CA LEU A 108 -7.29 0.33 7.19
CA LEU A 108 -7.25 0.36 7.11
C LEU A 108 -5.79 0.06 7.02
C LEU A 108 -5.76 0.06 7.07
N LEU A 109 -5.36 -1.21 7.10
CA LEU A 109 -3.95 -1.53 6.81
C LEU A 109 -3.59 -1.04 5.41
N LEU A 110 -4.50 -1.24 4.46
CA LEU A 110 -4.23 -0.83 3.07
C LEU A 110 -4.29 0.69 2.93
N PHE A 111 -5.18 1.37 3.69
CA PHE A 111 -5.10 2.83 3.77
C PHE A 111 -3.71 3.29 4.21
N GLU A 112 -3.16 2.65 5.25
CA GLU A 112 -1.81 3.04 5.67
C GLU A 112 -0.81 2.85 4.53
N CYS A 113 -0.87 1.72 3.83
CA CYS A 113 0.08 1.43 2.78
C CYS A 113 -0.10 2.37 1.58
N SER A 114 -1.35 2.61 1.19
N SER A 114 -1.37 2.62 1.22
CA SER A 114 -1.56 3.27 -0.10
CA SER A 114 -1.70 3.24 -0.07
C SER A 114 -1.60 4.79 0.01
C SER A 114 -1.71 4.76 -0.01
N PHE A 115 -1.97 5.32 1.17
CA PHE A 115 -2.26 6.75 1.31
C PHE A 115 -1.36 7.41 2.35
N LEU A 116 -1.44 6.98 3.60
CA LEU A 116 -0.68 7.66 4.65
C LEU A 116 0.80 7.45 4.47
N PHE A 117 1.24 6.19 4.38
CA PHE A 117 2.67 5.99 4.24
C PHE A 117 3.18 6.51 2.91
N ARG A 118 2.38 6.37 1.85
CA ARG A 118 2.82 6.87 0.56
C ARG A 118 3.15 8.35 0.65
N ARG A 119 2.28 9.12 1.31
CA ARG A 119 2.53 10.55 1.41
C ARG A 119 3.65 10.88 2.39
N ASP A 120 3.76 10.14 3.49
CA ASP A 120 4.89 10.36 4.42
C ASP A 120 6.20 10.09 3.70
N SER A 121 6.29 8.97 2.98
N SER A 121 6.26 8.96 2.98
CA SER A 121 7.57 8.65 2.35
CA SER A 121 7.48 8.57 2.29
C SER A 121 7.86 9.56 1.17
C SER A 121 7.84 9.57 1.20
N ASP A 122 6.84 10.07 0.47
CA ASP A 122 7.12 11.07 -0.58
C ASP A 122 7.82 12.28 0.04
N PHE A 123 7.33 12.70 1.20
CA PHE A 123 7.88 13.90 1.86
C PHE A 123 9.27 13.62 2.38
N MET A 124 9.45 12.50 3.11
CA MET A 124 10.74 12.21 3.70
C MET A 124 11.80 11.97 2.63
N SER A 125 11.44 11.27 1.55
N SER A 125 11.44 11.28 1.55
N SER A 125 11.42 11.26 1.57
CA SER A 125 12.37 11.03 0.46
CA SER A 125 12.41 11.03 0.48
CA SER A 125 12.33 11.02 0.44
C SER A 125 12.78 12.33 -0.20
C SER A 125 12.77 12.31 -0.26
C SER A 125 12.78 12.33 -0.19
N ALA A 126 11.84 13.26 -0.38
CA ALA A 126 12.17 14.54 -0.98
C ALA A 126 13.19 15.30 -0.13
N ILE A 127 13.01 15.29 1.20
CA ILE A 127 13.97 15.95 2.07
C ILE A 127 15.35 15.34 1.90
N VAL A 128 15.43 14.01 1.91
CA VAL A 128 16.74 13.36 1.82
C VAL A 128 17.38 13.63 0.47
N ARG A 129 16.60 13.55 -0.60
N ARG A 129 16.59 13.56 -0.61
CA ARG A 129 17.15 13.71 -1.95
CA ARG A 129 17.14 13.71 -1.95
C ARG A 129 17.51 15.16 -2.25
C ARG A 129 17.44 15.15 -2.34
N GLN A 130 16.69 16.11 -1.80
CA GLN A 130 16.82 17.51 -2.22
C GLN A 130 17.40 18.43 -1.16
N GLY A 131 17.34 18.04 0.11
CA GLY A 131 17.60 18.95 1.21
C GLY A 131 16.34 19.68 1.56
N PHE A 132 16.08 19.91 2.85
CA PHE A 132 14.81 20.51 3.26
C PHE A 132 14.54 21.83 2.55
N ALA A 133 15.58 22.65 2.38
CA ALA A 133 15.42 23.98 1.79
C ALA A 133 14.85 23.93 0.38
N ASN A 134 15.03 22.82 -0.33
CA ASN A 134 14.60 22.70 -1.71
C ASN A 134 13.35 21.85 -1.88
N VAL A 135 12.68 21.49 -0.79
CA VAL A 135 11.42 20.76 -0.84
C VAL A 135 10.26 21.75 -0.89
N ASP A 136 9.23 21.42 -1.66
CA ASP A 136 7.97 22.18 -1.65
C ASP A 136 7.18 21.76 -0.41
N VAL A 137 7.51 22.38 0.72
CA VAL A 137 6.97 21.92 1.99
C VAL A 137 5.46 22.18 2.04
N ALA A 138 5.00 23.29 1.45
CA ALA A 138 3.56 23.56 1.46
C ALA A 138 2.79 22.48 0.71
N HIS A 139 3.37 21.95 -0.37
CA HIS A 139 2.72 20.87 -1.11
C HIS A 139 2.53 19.65 -0.21
N HIS A 140 3.61 19.25 0.49
CA HIS A 140 3.52 18.07 1.35
C HIS A 140 2.65 18.33 2.58
N GLU A 141 2.64 19.57 3.08
CA GLU A 141 1.72 19.89 4.16
C GLU A 141 0.27 19.65 3.74
N ARG A 142 -0.08 20.05 2.52
CA ARG A 142 -1.44 19.81 2.04
C ARG A 142 -1.72 18.32 1.95
N LYS A 143 -0.78 17.56 1.38
CA LYS A 143 -1.02 16.13 1.20
C LYS A 143 -1.13 15.42 2.55
N LEU A 144 -0.29 15.79 3.50
CA LEU A 144 -0.30 15.08 4.80
C LEU A 144 -1.47 15.56 5.67
N THR A 145 -1.83 16.85 5.61
CA THR A 145 -3.03 17.30 6.31
C THR A 145 -4.26 16.59 5.79
N GLU A 146 -4.29 16.31 4.48
N GLU A 146 -4.29 16.32 4.49
CA GLU A 146 -5.41 15.56 3.91
CA GLU A 146 -5.40 15.55 3.93
C GLU A 146 -5.50 14.16 4.53
C GLU A 146 -5.50 14.18 4.58
N ALA A 147 -4.35 13.57 4.86
CA ALA A 147 -4.39 12.28 5.54
C ALA A 147 -4.88 12.43 6.97
N TYR A 148 -4.47 13.50 7.67
CA TYR A 148 -5.01 13.78 9.00
C TYR A 148 -6.53 13.87 8.96
N ILE A 149 -7.06 14.59 7.96
CA ILE A 149 -8.51 14.76 7.84
C ILE A 149 -9.20 13.41 7.71
N ILE A 150 -8.65 12.53 6.87
CA ILE A 150 -9.24 11.20 6.69
C ILE A 150 -9.22 10.39 7.98
N MET A 151 -8.08 10.39 8.71
CA MET A 151 -8.02 9.64 9.97
C MET A 151 -8.98 10.23 11.01
N GLU A 152 -9.14 11.55 11.01
CA GLU A 152 -10.10 12.17 11.90
C GLU A 152 -11.52 11.70 11.57
N ARG A 153 -11.84 11.59 10.27
CA ARG A 153 -13.16 11.05 9.90
C ARG A 153 -13.34 9.62 10.37
N TYR A 154 -12.33 8.77 10.18
N TYR A 154 -12.31 8.77 10.24
CA TYR A 154 -12.39 7.42 10.70
CA TYR A 154 -12.47 7.39 10.71
C TYR A 154 -12.72 7.43 12.19
C TYR A 154 -12.67 7.36 12.23
N LEU A 155 -11.98 8.23 12.96
CA LEU A 155 -12.13 8.23 14.40
C LEU A 155 -13.37 8.99 14.87
N GLU A 156 -14.04 9.74 14.01
CA GLU A 156 -15.31 10.34 14.43
C GLU A 156 -16.38 9.29 14.52
N ASN A 157 -16.21 8.19 13.81
CA ASN A 157 -17.19 7.13 13.70
C ASN A 157 -16.76 5.87 14.43
N SER A 158 -15.58 5.87 15.02
CA SER A 158 -15.08 4.67 15.69
C SER A 158 -14.06 5.08 16.73
N ASP A 159 -13.99 4.30 17.82
CA ASP A 159 -13.09 4.62 18.93
C ASP A 159 -11.62 4.43 18.53
N PHE A 160 -11.26 3.26 17.98
CA PHE A 160 -9.97 2.99 17.38
C PHE A 160 -10.11 3.05 15.85
N MET A 161 -9.00 2.82 15.12
CA MET A 161 -9.05 3.08 13.68
C MET A 161 -10.05 2.18 12.98
N ALA A 162 -10.14 0.91 13.39
CA ALA A 162 -10.95 -0.07 12.64
C ALA A 162 -12.14 -0.59 13.45
N GLY A 163 -12.49 0.04 14.56
CA GLY A 163 -13.59 -0.41 15.37
C GLY A 163 -13.40 -0.03 16.82
N PRO A 164 -14.09 -0.73 17.72
CA PRO A 164 -14.12 -0.30 19.13
C PRO A 164 -12.90 -0.73 19.95
N GLN A 165 -11.99 -1.55 19.41
CA GLN A 165 -10.83 -1.98 20.18
C GLN A 165 -9.56 -1.95 19.33
N LEU A 166 -8.43 -2.04 20.01
CA LEU A 166 -7.12 -2.06 19.36
C LEU A 166 -7.03 -3.19 18.35
N THR A 167 -6.55 -2.87 17.13
CA THR A 167 -6.28 -3.91 16.13
C THR A 167 -4.94 -3.64 15.46
N LEU A 168 -4.57 -4.53 14.53
CA LEU A 168 -3.36 -4.32 13.75
C LEU A 168 -3.39 -2.99 13.03
N ALA A 169 -4.58 -2.49 12.65
CA ALA A 169 -4.65 -1.21 11.95
C ALA A 169 -4.05 -0.08 12.79
N ASP A 170 -4.34 -0.07 14.10
CA ASP A 170 -3.78 0.97 14.95
C ASP A 170 -2.26 0.87 15.02
N LEU A 171 -1.72 -0.35 15.06
CA LEU A 171 -0.27 -0.53 15.15
C LEU A 171 0.41 -0.05 13.88
N SER A 172 -0.19 -0.36 12.73
CA SER A 172 0.33 0.08 11.45
C SER A 172 0.29 1.61 11.33
N ILE A 173 -0.85 2.20 11.70
CA ILE A 173 -1.05 3.62 11.45
C ILE A 173 -0.31 4.49 12.46
N VAL A 174 -0.20 4.05 13.73
CA VAL A 174 0.33 5.00 14.74
C VAL A 174 1.79 5.31 14.47
N THR A 175 2.55 4.36 13.92
CA THR A 175 3.97 4.66 13.76
C THR A 175 4.18 5.72 12.69
N THR A 176 3.50 5.58 11.55
CA THR A 176 3.59 6.60 10.52
C THR A 176 2.98 7.91 10.98
N LEU A 177 1.84 7.88 11.69
CA LEU A 177 1.28 9.11 12.23
C LEU A 177 2.29 9.83 13.13
N SER A 178 2.96 9.08 14.02
CA SER A 178 3.92 9.72 14.92
C SER A 178 5.06 10.37 14.13
N THR A 179 5.39 9.79 12.98
CA THR A 179 6.45 10.31 12.13
C THR A 179 6.01 11.58 11.40
N VAL A 180 4.81 11.55 10.78
CA VAL A 180 4.27 12.77 10.15
C VAL A 180 4.18 13.90 11.15
N ASN A 181 3.79 13.58 12.37
CA ASN A 181 3.60 14.58 13.42
C ASN A 181 4.91 15.09 13.98
N LEU A 182 6.08 14.56 13.57
CA LEU A 182 7.33 15.29 13.87
C LEU A 182 7.30 16.66 13.24
N MET A 183 6.69 16.79 12.07
N MET A 183 6.67 16.78 12.07
CA MET A 183 6.65 18.07 11.38
CA MET A 183 6.66 18.01 11.29
C MET A 183 5.31 18.78 11.52
C MET A 183 5.33 18.76 11.37
N PHE A 184 4.20 18.07 11.32
CA PHE A 184 2.90 18.73 11.18
C PHE A 184 2.05 18.57 12.42
N PRO A 185 1.62 19.67 13.02
CA PRO A 185 0.91 19.59 14.30
C PRO A 185 -0.51 19.04 14.17
N LEU A 186 -0.99 18.53 15.30
CA LEU A 186 -2.31 17.90 15.37
C LEU A 186 -3.31 18.75 16.13
N SER A 187 -3.03 20.05 16.28
N SER A 187 -3.04 20.04 16.29
CA SER A 187 -3.89 20.95 17.06
CA SER A 187 -3.91 20.89 17.11
C SER A 187 -5.34 20.91 16.59
C SER A 187 -5.34 20.96 16.59
N GLN A 188 -5.56 20.82 15.28
CA GLN A 188 -6.90 20.91 14.72
C GLN A 188 -7.65 19.57 14.68
N PHE A 189 -7.09 18.50 15.26
CA PHE A 189 -7.60 17.14 15.07
C PHE A 189 -7.83 16.49 16.43
N PRO A 190 -8.92 16.86 17.11
CA PRO A 190 -9.13 16.34 18.47
C PRO A 190 -9.29 14.83 18.56
N ARG A 191 -9.94 14.17 17.59
CA ARG A 191 -10.06 12.71 17.73
C ARG A 191 -8.70 12.06 17.54
N LEU A 192 -7.94 12.56 16.56
N LEU A 192 -7.94 12.56 16.56
CA LEU A 192 -6.60 12.03 16.31
CA LEU A 192 -6.60 12.02 16.32
C LEU A 192 -5.70 12.21 17.53
C LEU A 192 -5.71 12.20 17.55
N ARG A 193 -5.78 13.38 18.19
CA ARG A 193 -5.01 13.60 19.40
C ARG A 193 -5.43 12.65 20.51
N ARG A 194 -6.75 12.48 20.71
CA ARG A 194 -7.21 11.59 21.76
C ARG A 194 -6.74 10.17 21.51
N TRP A 195 -6.88 9.71 20.26
CA TRP A 195 -6.45 8.36 19.90
C TRP A 195 -4.93 8.20 20.04
N PHE A 196 -4.16 9.17 19.54
CA PHE A 196 -2.70 9.07 19.63
C PHE A 196 -2.24 9.05 21.08
N THR A 197 -2.85 9.90 21.93
CA THR A 197 -2.56 9.88 23.35
C THR A 197 -2.82 8.50 23.94
N ALA A 198 -3.98 7.89 23.60
CA ALA A 198 -4.26 6.55 24.11
C ALA A 198 -3.24 5.55 23.62
N MET A 199 -2.84 5.64 22.36
CA MET A 199 -1.82 4.73 21.86
C MET A 199 -0.50 4.90 22.63
N GLN A 200 -0.14 6.14 22.98
CA GLN A 200 1.09 6.39 23.71
C GLN A 200 1.07 5.82 25.12
N GLN A 201 -0.13 5.52 25.65
CA GLN A 201 -0.21 4.94 26.98
C GLN A 201 0.00 3.44 26.97
N LEU A 202 -0.05 2.82 25.79
CA LEU A 202 0.15 1.38 25.72
C LEU A 202 1.60 1.04 25.96
N ASP A 203 1.82 -0.01 26.76
CA ASP A 203 3.18 -0.51 26.94
C ASP A 203 3.86 -0.79 25.61
N ALA A 204 3.09 -1.28 24.61
CA ALA A 204 3.74 -1.64 23.34
C ALA A 204 4.27 -0.41 22.60
N TYR A 205 3.72 0.76 22.86
CA TYR A 205 4.19 1.97 22.20
C TYR A 205 5.64 2.28 22.55
N GLU A 206 6.14 1.73 23.65
CA GLU A 206 7.55 1.99 23.94
C GLU A 206 8.45 1.56 22.79
N ALA A 207 8.03 0.56 21.99
CA ALA A 207 8.80 0.10 20.83
C ALA A 207 8.83 1.09 19.67
N ASN A 208 7.95 2.11 19.66
CA ASN A 208 7.99 3.16 18.65
C ASN A 208 8.98 4.27 18.99
N CYS A 209 9.27 4.48 20.28
CA CYS A 209 9.88 5.74 20.69
C CYS A 209 11.31 5.87 20.17
N SER A 210 12.10 4.81 20.30
CA SER A 210 13.53 4.91 19.99
C SER A 210 13.76 5.20 18.51
N GLY A 211 13.09 4.45 17.63
CA GLY A 211 13.27 4.67 16.20
C GLY A 211 12.70 6.00 15.72
N LEU A 212 11.63 6.46 16.34
CA LEU A 212 11.10 7.78 16.02
C LEU A 212 12.15 8.87 16.28
N GLU A 213 12.82 8.77 17.44
CA GLU A 213 13.84 9.75 17.78
C GLU A 213 15.07 9.60 16.89
N LYS A 214 15.47 8.37 16.58
N LYS A 214 15.48 8.38 16.58
CA LYS A 214 16.61 8.19 15.67
CA LYS A 214 16.61 8.21 15.66
C LYS A 214 16.31 8.71 14.27
C LYS A 214 16.28 8.81 14.30
N LEU A 215 15.05 8.59 13.81
CA LEU A 215 14.67 9.16 12.53
C LEU A 215 14.73 10.68 12.58
N ARG A 216 14.18 11.25 13.65
CA ARG A 216 14.25 12.70 13.83
C ARG A 216 15.70 13.17 13.69
N GLN A 217 16.61 12.53 14.42
CA GLN A 217 18.02 12.94 14.41
C GLN A 217 18.62 12.80 13.02
N THR A 218 18.39 11.66 12.38
CA THR A 218 18.95 11.42 11.06
C THR A 218 18.42 12.42 10.04
N MET A 219 17.10 12.62 10.04
CA MET A 219 16.50 13.51 9.04
C MET A 219 16.99 14.93 9.19
N GLU A 220 17.12 15.41 10.42
CA GLU A 220 17.61 16.78 10.64
C GLU A 220 19.01 16.92 10.08
N SER A 221 19.85 15.91 10.29
CA SER A 221 21.23 15.93 9.80
C SER A 221 21.28 15.86 8.27
N VAL A 222 20.63 14.85 7.69
N VAL A 222 20.63 14.86 7.68
CA VAL A 222 20.75 14.64 6.25
CA VAL A 222 20.78 14.66 6.24
C VAL A 222 20.04 15.75 5.47
C VAL A 222 20.01 15.71 5.45
N GLY A 223 18.91 16.24 6.00
CA GLY A 223 18.18 17.30 5.32
C GLY A 223 18.54 18.71 5.69
N SER A 224 19.43 18.89 6.69
CA SER A 224 19.91 20.19 7.19
C SER A 224 18.75 21.09 7.59
N PHE A 225 17.97 20.62 8.56
CA PHE A 225 16.86 21.41 9.06
C PHE A 225 16.56 20.93 10.47
N GLN A 226 15.59 21.59 11.11
CA GLN A 226 15.06 21.14 12.39
C GLN A 226 13.55 20.99 12.28
N PHE A 227 13.03 19.88 12.80
CA PHE A 227 11.60 19.81 12.99
C PHE A 227 11.18 20.83 14.06
N PRO A 228 9.99 21.42 13.92
CA PRO A 228 9.48 22.30 14.99
C PRO A 228 9.16 21.47 16.22
N SER A 229 9.88 21.72 17.32
CA SER A 229 9.70 20.91 18.52
C SER A 229 8.27 20.93 19.03
N SER A 230 7.54 22.01 18.77
CA SER A 230 6.18 22.13 19.25
C SER A 230 5.19 21.18 18.57
N SER A 231 5.57 20.55 17.45
CA SER A 231 4.58 19.75 16.71
C SER A 231 4.28 18.41 17.38
N ALA A 232 5.30 17.66 17.77
CA ALA A 232 5.08 16.31 18.26
C ALA A 232 4.20 16.28 19.50
N VAL A 233 3.14 15.47 19.46
CA VAL A 233 2.34 15.14 20.63
C VAL A 233 3.17 14.24 21.55
N VAL A 234 3.40 14.71 22.78
CA VAL A 234 4.17 13.95 23.77
C VAL A 234 3.34 13.90 25.05
N THR A 235 3.55 12.83 25.82
CA THR A 235 2.85 12.66 27.09
C THR A 235 3.53 11.63 27.98
N PRO B 11 -27.81 -8.51 0.75
CA PRO B 11 -27.92 -7.72 -0.49
C PRO B 11 -26.68 -7.84 -1.38
N LYS B 12 -26.85 -7.65 -2.67
CA LYS B 12 -25.74 -7.83 -3.60
C LYS B 12 -24.73 -6.69 -3.45
N PRO B 13 -23.46 -6.97 -3.66
CA PRO B 13 -22.42 -5.94 -3.54
C PRO B 13 -22.63 -4.85 -4.59
N ILE B 14 -22.22 -3.63 -4.24
CA ILE B 14 -22.24 -2.47 -5.11
C ILE B 14 -20.78 -2.08 -5.33
N LEU B 15 -20.36 -1.97 -6.59
CA LEU B 15 -18.98 -1.60 -6.89
C LEU B 15 -18.99 -0.23 -7.54
N TYR B 16 -18.45 0.77 -6.84
CA TYR B 16 -18.20 2.10 -7.41
C TYR B 16 -16.90 2.03 -8.20
N TYR B 17 -16.92 2.47 -9.47
CA TYR B 17 -15.83 2.11 -10.38
C TYR B 17 -15.67 3.18 -11.46
N ASP B 18 -14.47 3.20 -12.03
CA ASP B 18 -14.15 3.84 -13.30
C ASP B 18 -13.18 2.85 -13.93
N GLU B 19 -13.56 2.25 -15.09
CA GLU B 19 -12.76 1.13 -15.59
C GLU B 19 -11.40 1.57 -16.14
N ARG B 20 -11.13 2.87 -16.24
CA ARG B 20 -9.78 3.32 -16.55
C ARG B 20 -8.79 2.97 -15.43
N SER B 21 -9.26 2.83 -14.19
CA SER B 21 -8.39 2.50 -13.05
C SER B 21 -7.94 1.04 -13.11
N PRO B 22 -6.63 0.74 -13.08
CA PRO B 22 -6.21 -0.66 -13.07
C PRO B 22 -6.76 -1.43 -11.87
N PRO B 23 -6.72 -0.89 -10.65
CA PRO B 23 -7.26 -1.68 -9.52
C PRO B 23 -8.76 -1.93 -9.66
N VAL B 24 -9.49 -1.03 -10.34
CA VAL B 24 -10.88 -1.35 -10.69
C VAL B 24 -10.91 -2.58 -11.59
N ARG B 25 -10.08 -2.57 -12.63
CA ARG B 25 -10.12 -3.68 -13.59
C ARG B 25 -9.76 -5.02 -12.95
N SER B 26 -8.91 -5.01 -11.91
CA SER B 26 -8.63 -6.26 -11.22
C SER B 26 -9.89 -6.82 -10.60
N CYS B 27 -10.69 -5.95 -9.99
CA CYS B 27 -11.95 -6.36 -9.38
C CYS B 27 -12.94 -6.82 -10.46
N LEU B 28 -12.99 -6.11 -11.60
CA LEU B 28 -13.85 -6.56 -12.69
C LEU B 28 -13.46 -7.95 -13.15
N MET B 29 -12.13 -8.22 -13.23
CA MET B 29 -11.66 -9.53 -13.65
C MET B 29 -12.09 -10.62 -12.67
N LEU B 30 -11.95 -10.36 -11.36
CA LEU B 30 -12.39 -11.34 -10.37
C LEU B 30 -13.91 -11.57 -10.45
N ILE B 31 -14.67 -10.50 -10.65
CA ILE B 31 -16.13 -10.61 -10.75
C ILE B 31 -16.48 -11.50 -11.94
N LYS B 32 -15.83 -11.30 -13.07
CA LYS B 32 -16.08 -12.14 -14.24
C LYS B 32 -15.64 -13.58 -13.99
N LEU B 33 -14.46 -13.74 -13.39
CA LEU B 33 -13.94 -15.09 -13.12
C LEU B 33 -14.88 -15.87 -12.22
N LEU B 34 -15.49 -15.22 -11.24
CA LEU B 34 -16.33 -15.91 -10.25
C LEU B 34 -17.83 -15.76 -10.50
N ASP B 35 -18.24 -15.14 -11.61
CA ASP B 35 -19.67 -14.95 -11.91
C ASP B 35 -20.41 -14.22 -10.79
N ILE B 36 -19.80 -13.19 -10.21
CA ILE B 36 -20.43 -12.52 -9.09
C ILE B 36 -21.45 -11.52 -9.61
N ASP B 37 -22.66 -11.57 -9.05
CA ASP B 37 -23.68 -10.57 -9.34
C ASP B 37 -23.40 -9.31 -8.53
N VAL B 38 -22.93 -8.26 -9.20
N VAL B 38 -23.03 -8.21 -9.19
CA VAL B 38 -22.54 -7.01 -8.56
CA VAL B 38 -22.81 -6.93 -8.53
C VAL B 38 -23.24 -5.86 -9.30
C VAL B 38 -23.67 -5.86 -9.21
N GLU B 39 -23.79 -4.94 -8.54
N GLU B 39 -23.79 -4.72 -8.51
CA GLU B 39 -24.30 -3.69 -9.11
CA GLU B 39 -24.41 -3.53 -9.07
C GLU B 39 -23.14 -2.74 -9.31
C GLU B 39 -23.32 -2.49 -9.29
N LEU B 40 -22.96 -2.29 -10.55
CA LEU B 40 -21.93 -1.31 -10.91
C LEU B 40 -22.46 0.11 -10.84
N ARG B 41 -21.69 1.01 -10.24
CA ARG B 41 -21.99 2.44 -10.22
C ARG B 41 -20.78 3.22 -10.71
N PHE B 42 -20.94 3.92 -11.82
CA PHE B 42 -19.82 4.61 -12.46
C PHE B 42 -19.57 5.95 -11.81
N VAL B 43 -18.31 6.17 -11.41
CA VAL B 43 -17.84 7.42 -10.84
C VAL B 43 -16.78 7.97 -11.78
N ASN B 44 -17.09 9.07 -12.47
CA ASN B 44 -16.16 9.54 -13.50
C ASN B 44 -15.02 10.30 -12.85
N LEU B 45 -13.83 9.68 -12.78
CA LEU B 45 -12.71 10.28 -12.08
C LEU B 45 -12.19 11.53 -12.79
N PHE B 46 -12.32 11.55 -14.12
CA PHE B 46 -11.81 12.68 -14.88
C PHE B 46 -12.79 13.84 -14.90
N LYS B 47 -13.98 13.66 -14.30
CA LYS B 47 -14.87 14.77 -14.00
C LYS B 47 -14.87 15.10 -12.52
N GLY B 48 -14.00 14.47 -11.73
CA GLY B 48 -13.95 14.72 -10.30
C GLY B 48 -15.13 14.24 -9.48
N GLU B 49 -15.89 13.27 -9.97
CA GLU B 49 -17.07 12.79 -9.24
C GLU B 49 -16.69 12.07 -7.95
N GLN B 50 -15.40 11.71 -7.78
CA GLN B 50 -14.99 11.08 -6.54
C GLN B 50 -14.94 12.07 -5.39
N PHE B 51 -15.10 13.36 -5.68
CA PHE B 51 -15.19 14.40 -4.66
C PHE B 51 -16.63 14.82 -4.39
N GLN B 52 -17.61 14.19 -5.02
CA GLN B 52 -18.99 14.52 -4.71
C GLN B 52 -19.28 14.18 -3.24
N LYS B 53 -20.05 15.05 -2.57
CA LYS B 53 -20.19 14.96 -1.11
C LYS B 53 -20.54 13.55 -0.65
N ASP B 54 -21.46 12.87 -1.35
CA ASP B 54 -21.93 11.58 -0.85
C ASP B 54 -20.87 10.49 -1.03
N PHE B 55 -20.15 10.52 -2.14
CA PHE B 55 -19.09 9.53 -2.31
C PHE B 55 -17.93 9.80 -1.33
N LEU B 56 -17.59 11.08 -1.11
N LEU B 56 -17.59 11.07 -1.12
CA LEU B 56 -16.55 11.41 -0.14
CA LEU B 56 -16.55 11.43 -0.14
C LEU B 56 -16.92 10.93 1.26
C LEU B 56 -16.92 10.93 1.25
N ALA B 57 -18.20 11.01 1.61
CA ALA B 57 -18.63 10.52 2.90
C ALA B 57 -18.47 9.02 2.98
N LEU B 58 -18.69 8.34 1.86
CA LEU B 58 -18.51 6.90 1.80
C LEU B 58 -17.05 6.50 1.84
N ASN B 59 -16.22 7.22 1.10
CA ASN B 59 -14.79 6.92 1.00
C ASN B 59 -14.00 8.22 1.03
N PRO B 60 -13.50 8.62 2.21
CA PRO B 60 -12.74 9.89 2.30
C PRO B 60 -11.46 9.89 1.47
N GLN B 61 -10.95 8.73 1.06
CA GLN B 61 -9.82 8.68 0.15
C GLN B 61 -10.18 8.97 -1.30
N HIS B 62 -11.49 9.18 -1.59
CA HIS B 62 -11.98 9.56 -2.93
C HIS B 62 -11.32 8.73 -4.03
N SER B 63 -11.44 7.41 -3.88
CA SER B 63 -10.77 6.49 -4.79
C SER B 63 -11.74 5.40 -5.24
N VAL B 64 -11.47 4.88 -6.44
CA VAL B 64 -12.12 3.65 -6.91
C VAL B 64 -11.05 2.60 -7.16
N PRO B 65 -11.35 1.32 -6.93
CA PRO B 65 -12.67 0.81 -6.56
C PRO B 65 -13.10 1.03 -5.10
N THR B 66 -14.40 1.20 -4.89
CA THR B 66 -15.00 1.16 -3.56
C THR B 66 -16.15 0.17 -3.63
N LEU B 67 -16.23 -0.73 -2.65
CA LEU B 67 -17.28 -1.74 -2.59
C LEU B 67 -18.15 -1.49 -1.39
N VAL B 68 -19.47 -1.54 -1.58
CA VAL B 68 -20.42 -1.55 -0.47
C VAL B 68 -21.11 -2.90 -0.53
N HIS B 69 -20.97 -3.68 0.54
CA HIS B 69 -21.58 -5.00 0.60
C HIS B 69 -22.29 -5.07 1.95
N GLY B 70 -23.60 -4.79 1.92
CA GLY B 70 -24.33 -4.60 3.16
C GLY B 70 -23.76 -3.41 3.89
N ASP B 71 -23.41 -3.62 5.16
CA ASP B 71 -22.82 -2.59 6.00
C ASP B 71 -21.31 -2.42 5.76
N LEU B 72 -20.69 -3.32 5.02
CA LEU B 72 -19.23 -3.30 4.87
C LEU B 72 -18.84 -2.38 3.72
N VAL B 73 -17.93 -1.45 3.96
CA VAL B 73 -17.47 -0.49 2.95
C VAL B 73 -15.97 -0.70 2.79
N LEU B 74 -15.55 -1.17 1.62
CA LEU B 74 -14.13 -1.39 1.35
C LEU B 74 -13.64 -0.34 0.36
N THR B 75 -12.45 0.20 0.63
CA THR B 75 -11.96 1.36 -0.12
C THR B 75 -10.59 1.06 -0.71
N ASP B 76 -10.29 -0.23 -0.92
CA ASP B 76 -9.04 -0.63 -1.54
C ASP B 76 -9.26 -1.93 -2.32
N SER B 77 -8.80 -1.94 -3.57
CA SER B 77 -8.96 -3.11 -4.43
C SER B 77 -8.46 -4.38 -3.78
N HIS B 78 -7.37 -4.32 -3.00
CA HIS B 78 -6.80 -5.56 -2.50
C HIS B 78 -7.70 -6.16 -1.41
N ALA B 79 -8.34 -5.31 -0.60
CA ALA B 79 -9.35 -5.80 0.33
C ALA B 79 -10.56 -6.34 -0.41
N ILE B 80 -10.97 -5.65 -1.50
CA ILE B 80 -12.13 -6.10 -2.26
C ILE B 80 -11.86 -7.48 -2.87
N LEU B 81 -10.66 -7.67 -3.45
CA LEU B 81 -10.31 -8.97 -4.02
C LEU B 81 -10.38 -10.07 -2.96
N ILE B 82 -9.82 -9.80 -1.77
CA ILE B 82 -9.79 -10.81 -0.72
C ILE B 82 -11.20 -11.08 -0.21
N HIS B 83 -11.96 -10.02 0.04
CA HIS B 83 -13.34 -10.19 0.51
C HIS B 83 -14.16 -11.01 -0.48
N LEU B 84 -14.10 -10.66 -1.75
CA LEU B 84 -14.93 -11.37 -2.74
C LEU B 84 -14.49 -12.80 -2.89
N ALA B 85 -13.18 -13.05 -2.85
CA ALA B 85 -12.73 -14.45 -2.92
C ALA B 85 -13.19 -15.23 -1.69
N GLU B 86 -13.12 -14.62 -0.50
CA GLU B 86 -13.55 -15.34 0.71
C GLU B 86 -15.05 -15.58 0.71
N LYS B 87 -15.83 -14.65 0.19
CA LYS B 87 -17.28 -14.83 0.20
C LYS B 87 -17.78 -15.65 -0.97
N PHE B 88 -17.13 -15.61 -2.12
CA PHE B 88 -17.72 -16.21 -3.31
C PHE B 88 -16.87 -17.33 -3.89
N ASP B 89 -15.72 -17.64 -3.28
CA ASP B 89 -14.84 -18.66 -3.83
C ASP B 89 -14.19 -19.46 -2.71
N GLU B 90 -14.97 -19.74 -1.65
CA GLU B 90 -14.48 -20.62 -0.61
C GLU B 90 -14.09 -21.95 -1.23
N GLY B 91 -12.93 -22.46 -0.83
CA GLY B 91 -12.36 -23.64 -1.45
C GLY B 91 -11.59 -23.43 -2.74
N GLY B 92 -11.48 -22.19 -3.22
CA GLY B 92 -10.79 -21.94 -4.46
C GLY B 92 -9.26 -21.82 -4.27
N SER B 93 -8.57 -21.75 -5.41
CA SER B 93 -7.13 -21.57 -5.39
C SER B 93 -6.71 -20.11 -5.52
N LEU B 94 -7.64 -19.19 -5.81
CA LEU B 94 -7.23 -17.80 -5.99
C LEU B 94 -6.71 -17.20 -4.70
N TRP B 95 -7.32 -17.58 -3.59
CA TRP B 95 -6.96 -17.08 -2.27
C TRP B 95 -6.77 -18.33 -1.42
N PRO B 96 -5.58 -18.94 -1.48
CA PRO B 96 -5.42 -20.31 -0.96
C PRO B 96 -5.63 -20.43 0.54
N GLN B 97 -6.14 -21.60 0.95
CA GLN B 97 -6.46 -21.82 2.35
C GLN B 97 -5.20 -22.05 3.18
N GLU B 98 -4.17 -22.66 2.60
CA GLU B 98 -2.99 -22.97 3.39
C GLU B 98 -2.24 -21.68 3.73
N HIS B 99 -1.84 -21.55 5.00
CA HIS B 99 -1.35 -20.27 5.51
C HIS B 99 -0.17 -19.72 4.70
N ALA B 100 0.85 -20.53 4.47
CA ALA B 100 2.05 -20.02 3.80
C ALA B 100 1.74 -19.58 2.38
N GLU B 101 0.90 -20.35 1.69
CA GLU B 101 0.52 -19.97 0.34
C GLU B 101 -0.29 -18.68 0.35
N ARG B 102 -1.19 -18.53 1.33
CA ARG B 102 -2.01 -17.33 1.39
C ARG B 102 -1.15 -16.11 1.69
N MET B 103 -0.17 -16.27 2.59
CA MET B 103 0.74 -15.15 2.90
C MET B 103 1.55 -14.75 1.67
N LYS B 104 1.96 -15.73 0.85
CA LYS B 104 2.69 -15.39 -0.37
C LYS B 104 1.81 -14.54 -1.31
N VAL B 105 0.54 -14.91 -1.47
CA VAL B 105 -0.36 -14.12 -2.31
C VAL B 105 -0.52 -12.72 -1.71
N LEU B 106 -0.77 -12.67 -0.40
CA LEU B 106 -0.89 -11.38 0.28
C LEU B 106 0.36 -10.51 0.08
N ASN B 107 1.54 -11.11 0.21
CA ASN B 107 2.79 -10.39 0.02
C ASN B 107 2.87 -9.76 -1.37
N LEU B 108 2.42 -10.48 -2.40
N LEU B 108 2.41 -10.47 -2.40
CA LEU B 108 2.44 -9.96 -3.76
CA LEU B 108 2.47 -9.91 -3.74
C LEU B 108 1.35 -8.93 -3.99
C LEU B 108 1.33 -8.91 -4.01
N LEU B 109 0.17 -9.09 -3.37
CA LEU B 109 -0.86 -8.05 -3.45
C LEU B 109 -0.31 -6.74 -2.91
N LEU B 110 0.48 -6.83 -1.83
CA LEU B 110 1.03 -5.63 -1.21
C LEU B 110 2.18 -5.06 -2.04
N PHE B 111 2.97 -5.91 -2.72
CA PHE B 111 3.91 -5.39 -3.71
C PHE B 111 3.19 -4.57 -4.76
N GLU B 112 2.07 -5.08 -5.25
CA GLU B 112 1.35 -4.32 -6.26
C GLU B 112 0.96 -2.96 -5.71
N CYS B 113 0.45 -2.93 -4.47
CA CYS B 113 -0.02 -1.68 -3.87
C CYS B 113 1.12 -0.72 -3.60
N SER B 114 2.20 -1.21 -2.99
N SER B 114 2.21 -1.23 -3.01
CA SER B 114 3.25 -0.36 -2.47
CA SER B 114 3.29 -0.44 -2.44
C SER B 114 4.29 0.04 -3.51
C SER B 114 4.32 0.00 -3.47
N PHE B 115 4.49 -0.78 -4.54
CA PHE B 115 5.62 -0.61 -5.44
C PHE B 115 5.16 -0.43 -6.88
N LEU B 116 4.50 -1.43 -7.47
CA LEU B 116 4.15 -1.34 -8.90
C LEU B 116 3.10 -0.26 -9.13
N PHE B 117 1.97 -0.32 -8.41
CA PHE B 117 0.96 0.71 -8.63
C PHE B 117 1.44 2.08 -8.18
N ARG B 118 2.22 2.17 -7.10
CA ARG B 118 2.72 3.46 -6.66
C ARG B 118 3.49 4.13 -7.79
N ARG B 119 4.34 3.37 -8.47
CA ARG B 119 5.16 3.95 -9.54
C ARG B 119 4.33 4.24 -10.79
N ASP B 120 3.37 3.36 -11.11
CA ASP B 120 2.47 3.62 -12.25
C ASP B 120 1.68 4.90 -12.00
N SER B 121 1.10 5.03 -10.80
N SER B 121 1.10 5.06 -10.82
CA SER B 121 0.29 6.20 -10.46
CA SER B 121 0.27 6.24 -10.60
C SER B 121 1.13 7.47 -10.43
C SER B 121 1.13 7.50 -10.42
N ASP B 122 2.35 7.39 -9.90
CA ASP B 122 3.25 8.54 -9.92
C ASP B 122 3.45 9.06 -11.35
N PHE B 123 3.68 8.14 -12.29
CA PHE B 123 3.88 8.52 -13.69
C PHE B 123 2.59 9.07 -14.32
N MET B 124 1.48 8.34 -14.16
CA MET B 124 0.23 8.78 -14.77
C MET B 124 -0.24 10.09 -14.18
N SER B 125 -0.07 10.27 -12.87
N SER B 125 -0.10 10.26 -12.87
CA SER B 125 -0.43 11.53 -12.23
CA SER B 125 -0.43 11.53 -12.23
C SER B 125 0.42 12.68 -12.75
C SER B 125 0.40 12.67 -12.80
N ALA B 126 1.71 12.43 -12.99
CA ALA B 126 2.58 13.47 -13.52
C ALA B 126 2.11 13.90 -14.91
N ILE B 127 1.73 12.95 -15.76
CA ILE B 127 1.25 13.30 -17.10
C ILE B 127 0.01 14.17 -17.00
N VAL B 128 -0.95 13.78 -16.15
CA VAL B 128 -2.20 14.52 -16.05
C VAL B 128 -1.94 15.94 -15.54
N ARG B 129 -1.07 16.07 -14.53
N ARG B 129 -1.05 16.07 -14.56
CA ARG B 129 -0.83 17.36 -13.89
CA ARG B 129 -0.87 17.37 -13.92
C ARG B 129 0.06 18.26 -14.74
C ARG B 129 0.08 18.27 -14.72
N GLN B 130 1.12 17.70 -15.31
CA GLN B 130 2.13 18.50 -16.01
C GLN B 130 1.98 18.52 -17.52
N GLY B 131 1.26 17.56 -18.10
CA GLY B 131 1.33 17.35 -19.54
C GLY B 131 2.55 16.52 -19.88
N PHE B 132 2.38 15.61 -20.84
CA PHE B 132 3.41 14.63 -21.15
C PHE B 132 4.73 15.31 -21.52
N ALA B 133 4.64 16.42 -22.27
CA ALA B 133 5.86 17.11 -22.71
C ALA B 133 6.72 17.60 -21.56
N ASN B 134 6.14 17.75 -20.36
CA ASN B 134 6.88 18.31 -19.24
C ASN B 134 7.22 17.27 -18.19
N VAL B 135 6.97 16.01 -18.48
CA VAL B 135 7.27 14.92 -17.54
C VAL B 135 8.67 14.40 -17.80
N ASP B 136 9.39 14.10 -16.71
CA ASP B 136 10.70 13.46 -16.78
C ASP B 136 10.48 11.97 -17.08
N VAL B 137 10.29 11.66 -18.37
CA VAL B 137 9.95 10.29 -18.75
C VAL B 137 11.08 9.33 -18.39
N ALA B 138 12.34 9.77 -18.51
CA ALA B 138 13.45 8.87 -18.22
C ALA B 138 13.43 8.44 -16.75
N HIS B 139 13.16 9.37 -15.84
CA HIS B 139 13.02 9.05 -14.42
C HIS B 139 11.98 7.96 -14.22
N HIS B 140 10.78 8.16 -14.78
CA HIS B 140 9.72 7.16 -14.61
C HIS B 140 10.03 5.86 -15.34
N GLU B 141 10.70 5.92 -16.51
CA GLU B 141 11.12 4.68 -17.14
C GLU B 141 12.03 3.87 -16.23
N ARG B 142 12.96 4.54 -15.53
CA ARG B 142 13.84 3.83 -14.62
C ARG B 142 13.05 3.20 -13.48
N LYS B 143 12.14 3.97 -12.88
CA LYS B 143 11.35 3.45 -11.76
C LYS B 143 10.47 2.28 -12.19
N LEU B 144 9.83 2.39 -13.36
CA LEU B 144 8.95 1.32 -13.80
C LEU B 144 9.71 0.12 -14.35
N THR B 145 10.87 0.34 -15.00
CA THR B 145 11.69 -0.79 -15.42
C THR B 145 12.22 -1.55 -14.21
N GLU B 146 12.54 -0.84 -13.13
N GLU B 146 12.54 -0.84 -13.13
CA GLU B 146 12.91 -1.53 -11.90
CA GLU B 146 12.92 -1.54 -11.89
C GLU B 146 11.80 -2.46 -11.44
C GLU B 146 11.80 -2.46 -11.45
N ALA B 147 10.54 -2.07 -11.63
CA ALA B 147 9.45 -2.94 -11.24
C ALA B 147 9.38 -4.16 -12.17
N TYR B 148 9.58 -3.94 -13.48
CA TYR B 148 9.65 -5.06 -14.41
C TYR B 148 10.70 -6.07 -13.98
N ILE B 149 11.88 -5.57 -13.60
CA ILE B 149 12.99 -6.43 -13.21
C ILE B 149 12.62 -7.28 -12.01
N ILE B 150 11.93 -6.69 -11.04
CA ILE B 150 11.52 -7.43 -9.85
C ILE B 150 10.53 -8.53 -10.22
N MET B 151 9.55 -8.22 -11.08
CA MET B 151 8.54 -9.21 -11.44
C MET B 151 9.16 -10.35 -12.23
N GLU B 152 10.14 -10.03 -13.09
CA GLU B 152 10.86 -11.06 -13.83
C GLU B 152 11.54 -12.02 -12.87
N ARG B 153 12.10 -11.50 -11.77
CA ARG B 153 12.68 -12.37 -10.75
C ARG B 153 11.60 -13.14 -10.00
N TYR B 154 10.47 -12.50 -9.68
CA TYR B 154 9.37 -13.21 -9.03
C TYR B 154 8.93 -14.44 -9.84
N LEU B 155 9.09 -14.39 -11.16
CA LEU B 155 8.59 -15.44 -12.03
C LEU B 155 9.60 -16.55 -12.26
N GLU B 156 10.77 -16.49 -11.62
CA GLU B 156 11.84 -17.41 -12.00
C GLU B 156 11.42 -18.86 -11.82
N ASN B 157 10.86 -19.18 -10.66
N ASN B 157 10.86 -19.20 -10.67
CA ASN B 157 10.51 -20.55 -10.32
CA ASN B 157 10.52 -20.60 -10.45
C ASN B 157 9.06 -20.92 -10.61
C ASN B 157 9.02 -20.83 -10.35
N SER B 158 8.20 -19.94 -10.89
CA SER B 158 6.77 -20.16 -10.93
C SER B 158 6.14 -19.65 -12.23
N ASP B 159 5.07 -20.35 -12.63
CA ASP B 159 4.27 -19.96 -13.80
C ASP B 159 3.50 -18.67 -13.55
N PHE B 160 3.06 -18.45 -12.32
CA PHE B 160 2.31 -17.26 -11.96
C PHE B 160 3.03 -16.50 -10.86
N MET B 161 2.50 -15.32 -10.50
CA MET B 161 3.28 -14.42 -9.66
C MET B 161 3.54 -14.97 -8.26
N ALA B 162 2.60 -15.76 -7.71
CA ALA B 162 2.68 -16.24 -6.34
C ALA B 162 2.81 -17.76 -6.27
N GLY B 163 3.15 -18.42 -7.37
CA GLY B 163 3.29 -19.85 -7.36
C GLY B 163 2.83 -20.50 -8.65
N PRO B 164 2.48 -21.79 -8.58
CA PRO B 164 2.14 -22.51 -9.81
C PRO B 164 0.74 -22.28 -10.33
N GLN B 165 -0.15 -21.66 -9.55
CA GLN B 165 -1.54 -21.47 -9.92
C GLN B 165 -1.84 -19.98 -9.98
N LEU B 166 -2.81 -19.61 -10.81
CA LEU B 166 -3.36 -18.25 -10.79
C LEU B 166 -3.92 -17.91 -9.41
N THR B 167 -3.57 -16.72 -8.89
CA THR B 167 -4.12 -16.24 -7.63
C THR B 167 -4.57 -14.80 -7.78
N LEU B 168 -5.13 -14.27 -6.68
CA LEU B 168 -5.49 -12.86 -6.65
C LEU B 168 -4.31 -11.96 -7.00
N ALA B 169 -3.07 -12.36 -6.65
CA ALA B 169 -1.93 -11.51 -6.98
C ALA B 169 -1.82 -11.27 -8.49
N ASP B 170 -2.09 -12.30 -9.31
CA ASP B 170 -2.02 -12.10 -10.75
C ASP B 170 -3.08 -11.12 -11.24
N LEU B 171 -4.31 -11.23 -10.70
CA LEU B 171 -5.37 -10.31 -11.11
C LEU B 171 -5.01 -8.89 -10.79
N SER B 172 -4.43 -8.66 -9.60
CA SER B 172 -4.06 -7.31 -9.20
C SER B 172 -2.92 -6.76 -10.04
N ILE B 173 -1.88 -7.57 -10.29
CA ILE B 173 -0.69 -7.11 -11.00
C ILE B 173 -0.95 -6.92 -12.51
N VAL B 174 -1.76 -7.79 -13.13
CA VAL B 174 -1.80 -7.77 -14.60
C VAL B 174 -2.47 -6.51 -15.10
N THR B 175 -3.43 -5.95 -14.35
CA THR B 175 -4.10 -4.76 -14.85
C THR B 175 -3.16 -3.57 -14.81
N THR B 176 -2.43 -3.39 -13.70
CA THR B 176 -1.42 -2.35 -13.66
C THR B 176 -0.31 -2.61 -14.67
N LEU B 177 0.14 -3.87 -14.79
CA LEU B 177 1.19 -4.18 -15.78
C LEU B 177 0.73 -3.80 -17.18
N SER B 178 -0.50 -4.19 -17.56
CA SER B 178 -1.01 -3.86 -18.90
C SER B 178 -1.03 -2.36 -19.11
N THR B 179 -1.22 -1.59 -18.04
CA THR B 179 -1.25 -0.15 -18.08
C THR B 179 0.16 0.44 -18.24
N VAL B 180 1.11 -0.03 -17.42
CA VAL B 180 2.51 0.39 -17.61
C VAL B 180 2.96 0.07 -19.02
N ASN B 181 2.52 -1.07 -19.56
CA ASN B 181 2.91 -1.55 -20.88
C ASN B 181 2.30 -0.72 -22.00
N LEU B 182 1.36 0.19 -21.71
CA LEU B 182 0.98 1.19 -22.69
C LEU B 182 2.19 1.99 -23.14
N MET B 183 3.07 2.32 -22.20
CA MET B 183 4.24 3.17 -22.44
C MET B 183 5.52 2.36 -22.61
N PHE B 184 5.71 1.29 -21.83
CA PHE B 184 7.01 0.60 -21.74
C PHE B 184 6.91 -0.86 -22.15
N PRO B 185 7.60 -1.28 -23.20
CA PRO B 185 7.45 -2.65 -23.72
C PRO B 185 8.08 -3.70 -22.83
N LEU B 186 7.62 -4.94 -23.02
CA LEU B 186 8.04 -6.11 -22.25
C LEU B 186 9.02 -6.96 -23.01
N SER B 187 9.61 -6.40 -24.07
N SER B 187 9.62 -6.42 -24.07
CA SER B 187 10.45 -7.15 -24.98
CA SER B 187 10.42 -7.26 -24.95
C SER B 187 11.67 -7.75 -24.28
C SER B 187 11.68 -7.78 -24.28
N GLN B 188 12.19 -7.07 -23.27
CA GLN B 188 13.42 -7.47 -22.58
C GLN B 188 13.20 -8.44 -21.45
N PHE B 189 11.95 -8.78 -21.14
CA PHE B 189 11.62 -9.54 -19.94
C PHE B 189 10.90 -10.81 -20.35
N PRO B 190 11.62 -11.88 -20.68
CA PRO B 190 10.95 -13.06 -21.28
C PRO B 190 9.91 -13.70 -20.38
N ARG B 191 10.18 -13.85 -19.08
CA ARG B 191 9.21 -14.50 -18.22
C ARG B 191 7.98 -13.64 -18.07
N LEU B 192 8.19 -12.32 -17.92
CA LEU B 192 7.08 -11.39 -17.73
C LEU B 192 6.23 -11.31 -18.99
N ARG B 193 6.86 -11.31 -20.15
CA ARG B 193 6.11 -11.28 -21.41
C ARG B 193 5.31 -12.55 -21.61
N ARG B 194 5.90 -13.73 -21.32
CA ARG B 194 5.18 -14.98 -21.42
C ARG B 194 4.01 -15.03 -20.43
N TRP B 195 4.25 -14.62 -19.18
CA TRP B 195 3.17 -14.56 -18.20
C TRP B 195 2.04 -13.64 -18.67
N PHE B 196 2.38 -12.48 -19.20
CA PHE B 196 1.35 -11.54 -19.64
C PHE B 196 0.55 -12.13 -20.79
N THR B 197 1.24 -12.78 -21.73
CA THR B 197 0.53 -13.43 -22.83
C THR B 197 -0.42 -14.52 -22.31
N ALA B 198 0.02 -15.31 -21.32
CA ALA B 198 -0.85 -16.33 -20.76
C ALA B 198 -2.06 -15.72 -20.07
N MET B 199 -1.85 -14.62 -19.33
CA MET B 199 -2.97 -13.95 -18.68
C MET B 199 -3.98 -13.48 -19.71
N GLN B 200 -3.50 -12.99 -20.85
CA GLN B 200 -4.38 -12.49 -21.90
C GLN B 200 -5.24 -13.58 -22.52
N GLN B 201 -4.88 -14.85 -22.34
CA GLN B 201 -5.71 -15.94 -22.84
C GLN B 201 -6.88 -16.28 -21.94
N LEU B 202 -6.87 -15.86 -20.68
CA LEU B 202 -7.97 -16.22 -19.78
C LEU B 202 -9.24 -15.51 -20.21
N ASP B 203 -10.37 -16.22 -20.12
CA ASP B 203 -11.66 -15.59 -20.41
C ASP B 203 -11.84 -14.34 -19.57
N ALA B 204 -11.48 -14.42 -18.28
CA ALA B 204 -11.73 -13.29 -17.39
C ALA B 204 -10.91 -12.07 -17.78
N TYR B 205 -9.83 -12.25 -18.56
CA TYR B 205 -9.04 -11.09 -18.98
C TYR B 205 -9.80 -10.14 -19.89
N GLU B 206 -10.90 -10.59 -20.50
CA GLU B 206 -11.66 -9.65 -21.31
C GLU B 206 -12.13 -8.45 -20.50
N ALA B 207 -12.30 -8.62 -19.19
CA ALA B 207 -12.75 -7.52 -18.34
C ALA B 207 -11.72 -6.39 -18.26
N ASN B 208 -10.47 -6.65 -18.63
CA ASN B 208 -9.44 -5.61 -18.61
C ASN B 208 -9.45 -4.75 -19.87
N CYS B 209 -10.03 -5.25 -20.97
CA CYS B 209 -9.74 -4.66 -22.27
C CYS B 209 -10.34 -3.28 -22.43
N SER B 210 -11.60 -3.12 -22.07
CA SER B 210 -12.30 -1.88 -22.40
C SER B 210 -11.70 -0.70 -21.63
N GLY B 211 -11.47 -0.88 -20.32
CA GLY B 211 -10.91 0.22 -19.55
C GLY B 211 -9.46 0.55 -19.87
N LEU B 212 -8.66 -0.45 -20.26
CA LEU B 212 -7.30 -0.15 -20.69
C LEU B 212 -7.33 0.80 -21.88
N GLU B 213 -8.18 0.50 -22.87
CA GLU B 213 -8.28 1.31 -24.07
C GLU B 213 -8.87 2.68 -23.76
N LYS B 214 -9.88 2.74 -22.88
CA LYS B 214 -10.40 4.02 -22.46
C LYS B 214 -9.35 4.84 -21.75
N LEU B 215 -8.49 4.20 -20.95
CA LEU B 215 -7.44 4.93 -20.29
C LEU B 215 -6.43 5.46 -21.31
N ARG B 216 -6.04 4.60 -22.25
CA ARG B 216 -5.15 5.02 -23.32
C ARG B 216 -5.70 6.28 -23.96
N GLN B 217 -6.97 6.24 -24.40
CA GLN B 217 -7.57 7.39 -25.09
C GLN B 217 -7.66 8.60 -24.19
N THR B 218 -8.08 8.41 -22.95
CA THR B 218 -8.20 9.57 -22.06
C THR B 218 -6.83 10.19 -21.77
N MET B 219 -5.82 9.37 -21.47
CA MET B 219 -4.50 9.91 -21.14
C MET B 219 -3.90 10.67 -22.33
N GLU B 220 -4.03 10.12 -23.53
CA GLU B 220 -3.49 10.78 -24.71
C GLU B 220 -4.15 12.12 -24.93
N SER B 221 -5.46 12.20 -24.69
CA SER B 221 -6.14 13.46 -24.86
C SER B 221 -5.74 14.44 -23.76
N VAL B 222 -5.77 14.00 -22.50
CA VAL B 222 -5.46 14.90 -21.40
C VAL B 222 -3.97 15.21 -21.32
N GLY B 223 -3.12 14.26 -21.70
CA GLY B 223 -1.68 14.43 -21.68
C GLY B 223 -1.07 15.01 -22.94
N SER B 224 -1.88 15.15 -24.01
CA SER B 224 -1.47 15.62 -25.35
C SER B 224 -0.24 14.89 -25.87
N PHE B 225 -0.40 13.59 -26.04
CA PHE B 225 0.66 12.78 -26.57
C PHE B 225 0.04 11.50 -27.09
N GLN B 226 0.88 10.65 -27.65
CA GLN B 226 0.51 9.33 -28.11
C GLN B 226 1.44 8.32 -27.44
N PHE B 227 0.87 7.29 -26.83
CA PHE B 227 1.68 6.17 -26.40
C PHE B 227 2.40 5.57 -27.60
N PRO B 228 3.58 4.97 -27.40
CA PRO B 228 4.25 4.30 -28.53
C PRO B 228 3.46 3.14 -29.09
N SER B 229 2.67 2.47 -28.27
CA SER B 229 1.95 1.28 -28.70
C SER B 229 0.64 1.65 -29.40
N1 GSH C . 4.71 -1.03 2.03
CA1 GSH C . 6.00 -1.39 2.57
C1 GSH C . 5.78 -1.97 3.99
O11 GSH C . 4.74 -1.69 4.61
O12 GSH C . 6.65 -2.74 4.52
CB1 GSH C . 6.82 -0.08 2.68
CG1 GSH C . 8.28 -0.49 3.07
CD1 GSH C . 9.22 0.70 2.82
OE1 GSH C . 9.08 1.49 1.89
N2 GSH C . 10.31 0.83 3.77
CA2 GSH C . 11.22 1.93 3.59
C2 GSH C . 12.52 1.35 3.06
O2 GSH C . 12.96 0.29 3.44
CB2 GSH C . 11.62 2.57 4.91
SG2 GSH C . 10.23 3.43 5.66
N3 GSH C . 13.18 2.18 2.08
CA3 GSH C . 14.45 1.68 1.56
C3 GSH C . 14.51 1.81 0.08
O31 GSH C . 13.49 2.02 -0.61
O32 GSH C . 15.62 1.66 -0.45
C1 EST D . 10.25 7.12 4.36
C2 EST D . 9.33 7.45 5.36
C3 EST D . 9.74 7.48 6.71
O3 EST D . 8.86 7.81 7.70
C4 EST D . 11.01 7.15 7.15
C5 EST D . 11.90 6.80 6.17
C6 EST D . 13.48 6.37 6.65
C7 EST D . 14.29 5.70 5.49
C8 EST D . 14.09 6.52 4.27
C9 EST D . 12.59 6.37 3.71
C10 EST D . 11.54 6.80 4.75
C11 EST D . 12.39 7.19 2.41
C12 EST D . 13.51 6.76 1.25
C13 EST D . 14.89 6.74 1.80
C14 EST D . 15.03 6.02 3.19
C15 EST D . 16.61 5.96 3.51
C16 EST D . 17.31 6.09 1.94
C17 EST D . 16.11 6.04 0.96
O17 EST D . 16.35 6.71 -0.13
C18 EST D . 15.31 8.21 1.93
N1 GSH E . -4.61 1.26 -3.25
CA1 GSH E . -5.84 1.68 -3.85
C1 GSH E . -6.58 0.43 -4.39
O11 GSH E . -7.83 0.46 -4.54
O12 GSH E . -5.92 -0.59 -4.63
CB1 GSH E . -5.50 2.66 -5.00
CG1 GSH E . -6.85 3.21 -5.52
CD1 GSH E . -6.55 4.41 -6.41
OE1 GSH E . -5.58 5.15 -6.25
N2 GSH E . -7.50 4.62 -7.47
CA2 GSH E . -7.29 5.75 -8.36
C2 GSH E . -8.34 6.82 -8.00
O2 GSH E . -9.47 6.55 -7.73
CB2 GSH E . -7.57 5.33 -9.78
SG2 GSH E . -6.27 4.24 -10.41
N3 GSH E . -7.90 8.20 -8.05
CA3 GSH E . -8.88 9.25 -7.76
C3 GSH E . -8.30 10.26 -6.82
O31 GSH E . -8.88 11.35 -6.65
O32 GSH E . -7.24 10.01 -6.19
C1 EST F . -3.23 6.31 -11.85
C2 EST F . -2.72 5.18 -12.47
C3 EST F . -3.42 4.60 -13.58
O3 EST F . -2.91 3.48 -14.19
C4 EST F . -4.63 5.14 -14.03
C5 EST F . -5.13 6.24 -13.41
C6 EST F . -6.60 6.88 -13.98
C7 EST F . -7.19 8.03 -13.08
C8 EST F . -6.12 8.89 -12.60
C9 EST F . -5.07 8.12 -11.64
C10 EST F . -4.43 6.87 -12.29
C11 EST F . -3.99 9.09 -11.12
C12 EST F . -4.67 10.46 -10.43
C13 EST F . -5.76 11.08 -11.26
C14 EST F . -6.77 10.05 -11.85
C15 EST F . -7.92 10.95 -12.56
C16 EST F . -7.85 12.43 -11.69
C17 EST F . -6.78 12.20 -10.61
O17 EST F . -6.13 13.29 -10.32
C18 EST F . -5.08 11.73 -12.47
#